data_9Q1O
#
_entry.id   9Q1O
#
_cell.length_a   121.898
_cell.length_b   61.666
_cell.length_c   79.766
_cell.angle_alpha   90.000
_cell.angle_beta   117.519
_cell.angle_gamma   90.000
#
_symmetry.space_group_name_H-M   'C 1 2 1'
#
loop_
_entity.id
_entity.type
_entity.pdbx_description
1 polymer 'Transcriptional enhancer factor TEF-4'
2 non-polymer 1-{(3aS,4R,7aR)-4-[4-(trifluoromethyl)anilino]octahydro-2H-isoindol-2-yl}propan-1-one
3 non-polymer 'FORMIC ACID'
4 water water
#
_entity_poly.entity_id   1
_entity_poly.type   'polypeptide(L)'
_entity_poly.pdbx_seq_one_letter_code
;GHMAWQARGLGTARLQLVEFSAFVEPPDAVDSYQRHLFVHISQHCPSPGAPPLESVDVRQIYDKFPEKKGGLRELYDRGP
PHAFFLVKFWADLNWGPSGEEAGAGGSISSGGFYGVSSQYESLEHMTLTCSSKVCSFGKQVVEKVETERAQLEDGRFVYR
LLRSPMCEYLVNFLHKLRQLPERYMMNSVLENFTILQVVTNRDTQELLLCTAYVFEVSTSERGAQHHIYRLVRD
;
_entity_poly.pdbx_strand_id   B,A
#
loop_
_chem_comp.id
_chem_comp.type
_chem_comp.name
_chem_comp.formula
EI6 non-polymer 1-{(3aS,4R,7aR)-4-[4-(trifluoromethyl)anilino]octahydro-2H-isoindol-2-yl}propan-1-one 'C18 H23 F3 N2 O'
FMT non-polymer 'FORMIC ACID' 'C H2 O2'
#
# COMPACT_ATOMS: atom_id res chain seq x y z
N TRP A 5 -16.52 25.88 15.07
CA TRP A 5 -15.67 24.72 15.35
C TRP A 5 -15.30 23.98 14.06
N GLN A 6 -15.62 24.59 12.93
CA GLN A 6 -15.36 23.97 11.64
C GLN A 6 -13.88 24.06 11.29
N ALA A 7 -13.44 23.14 10.44
CA ALA A 7 -12.05 23.11 10.01
C ALA A 7 -11.74 24.31 9.11
N ARG A 8 -10.49 24.77 9.19
CA ARG A 8 -10.05 25.93 8.42
C ARG A 8 -8.90 25.64 7.47
N GLY A 9 -8.14 24.56 7.69
CA GLY A 9 -7.41 23.91 6.62
C GLY A 9 -7.56 22.41 6.63
N LEU A 10 -6.70 21.72 5.89
CA LEU A 10 -6.75 20.25 5.81
C LEU A 10 -6.18 19.69 7.11
N GLY A 11 -7.06 19.48 8.08
CA GLY A 11 -6.69 18.81 9.31
C GLY A 11 -7.78 18.83 10.35
N THR A 12 -7.78 17.84 11.24
CA THR A 12 -8.49 17.94 12.50
C THR A 12 -7.59 18.60 13.55
N ALA A 13 -8.14 18.77 14.76
CA ALA A 13 -7.31 19.10 15.91
C ALA A 13 -6.33 17.99 16.26
N ARG A 14 -6.55 16.78 15.76
CA ARG A 14 -5.72 15.63 16.12
C ARG A 14 -4.60 15.38 15.12
N LEU A 15 -4.73 15.87 13.89
CA LEU A 15 -3.71 15.64 12.86
C LEU A 15 -3.86 16.71 11.79
N GLN A 16 -2.82 17.52 11.62
CA GLN A 16 -2.79 18.57 10.59
C GLN A 16 -1.82 18.17 9.50
N LEU A 17 -2.18 18.50 8.26
CA LEU A 17 -1.27 18.35 7.12
C LEU A 17 -0.42 19.61 7.00
N VAL A 18 0.88 19.48 7.26
CA VAL A 18 1.78 20.61 7.12
C VAL A 18 2.02 20.94 5.65
N GLU A 19 2.44 19.94 4.87
CA GLU A 19 2.79 20.16 3.48
C GLU A 19 2.66 18.84 2.73
N PHE A 20 2.19 18.90 1.49
CA PHE A 20 2.15 17.75 0.61
C PHE A 20 2.46 18.20 -0.81
N SER A 21 3.31 17.43 -1.50
CA SER A 21 3.69 17.74 -2.86
C SER A 21 3.86 16.45 -3.66
N ALA A 22 3.50 16.51 -4.94
CA ALA A 22 3.96 15.55 -5.93
C ALA A 22 4.78 16.27 -7.00
N PHE A 23 5.97 15.75 -7.28
CA PHE A 23 6.98 16.52 -8.00
C PHE A 23 7.78 15.59 -8.90
N VAL A 24 8.43 16.19 -9.90
CA VAL A 24 9.44 15.52 -10.70
C VAL A 24 10.73 16.34 -10.64
N GLU A 25 11.85 15.66 -10.41
CA GLU A 25 13.16 16.26 -10.60
C GLU A 25 13.76 15.72 -11.89
N PRO A 26 14.15 16.58 -12.84
CA PRO A 26 14.76 16.10 -14.08
C PRO A 26 16.13 15.48 -13.82
N PRO A 27 16.63 14.64 -14.73
CA PRO A 27 17.91 13.96 -14.46
C PRO A 27 19.08 14.91 -14.26
N ASP A 28 19.03 16.10 -14.85
CA ASP A 28 20.11 17.08 -14.73
C ASP A 28 19.98 17.94 -13.48
N ALA A 29 19.03 17.64 -12.60
CA ALA A 29 18.93 18.35 -11.33
C ALA A 29 20.13 18.12 -10.42
N VAL A 30 20.88 17.04 -10.64
CA VAL A 30 22.09 16.81 -9.86
C VAL A 30 23.16 17.86 -10.14
N ASP A 31 23.08 18.54 -11.30
CA ASP A 31 24.05 19.57 -11.64
C ASP A 31 23.61 20.94 -11.13
N SER A 32 22.43 21.40 -11.56
CA SER A 32 21.73 22.49 -10.90
C SER A 32 20.30 22.06 -10.59
N TYR A 33 19.90 22.22 -9.33
CA TYR A 33 18.67 21.58 -8.85
C TYR A 33 17.45 22.29 -9.42
N GLN A 34 16.41 21.50 -9.68
CA GLN A 34 15.20 22.00 -10.33
C GLN A 34 14.06 21.04 -9.99
N ARG A 35 12.95 21.57 -9.50
CA ARG A 35 11.82 20.76 -9.07
C ARG A 35 10.55 21.31 -9.68
N HIS A 36 9.81 20.45 -10.37
CA HIS A 36 8.51 20.80 -10.94
C HIS A 36 7.41 20.13 -10.13
N LEU A 37 6.45 20.92 -9.68
CA LEU A 37 5.36 20.43 -8.84
C LEU A 37 4.12 20.22 -9.70
N PHE A 38 3.66 18.97 -9.78
CA PHE A 38 2.34 18.72 -10.31
C PHE A 38 1.26 19.28 -9.41
N VAL A 39 1.31 18.94 -8.12
CA VAL A 39 0.37 19.46 -7.13
C VAL A 39 1.16 19.81 -5.87
N HIS A 40 0.59 20.71 -5.06
CA HIS A 40 1.28 21.23 -3.89
C HIS A 40 0.24 21.81 -2.95
N ILE A 41 0.20 21.32 -1.72
CA ILE A 41 -0.43 22.01 -0.60
C ILE A 41 0.65 22.33 0.42
N SER A 42 0.78 23.60 0.76
CA SER A 42 1.63 24.02 1.88
C SER A 42 0.77 24.77 2.89
N GLN A 43 0.93 24.40 4.15
CA GLN A 43 0.23 25.00 5.29
C GLN A 43 1.27 25.37 6.36
N HIS A 44 2.29 26.09 5.89
CA HIS A 44 3.51 26.48 6.63
C HIS A 44 4.46 25.29 6.75
N PRO A 51 -12.11 32.15 9.24
CA PRO A 51 -12.54 31.82 7.87
C PRO A 51 -12.72 30.31 7.65
N PRO A 52 -13.97 29.85 7.66
CA PRO A 52 -14.22 28.43 7.39
C PRO A 52 -13.89 28.06 5.95
N LEU A 53 -13.48 26.80 5.79
CA LEU A 53 -13.53 26.17 4.48
C LEU A 53 -14.97 26.02 4.02
N GLU A 54 -15.16 26.11 2.70
CA GLU A 54 -16.45 25.81 2.11
C GLU A 54 -16.73 24.31 2.19
N SER A 55 -18.00 23.97 1.98
CA SER A 55 -18.48 22.60 2.17
C SER A 55 -18.90 22.02 0.82
N VAL A 56 -18.65 20.74 0.64
CA VAL A 56 -19.22 19.94 -0.45
C VAL A 56 -19.92 18.74 0.16
N ASP A 57 -21.15 18.50 -0.28
CA ASP A 57 -21.85 17.27 0.10
C ASP A 57 -21.07 16.05 -0.37
N VAL A 58 -20.88 15.09 0.55
CA VAL A 58 -20.13 13.89 0.22
C VAL A 58 -20.91 12.99 -0.73
N ARG A 59 -22.23 13.16 -0.81
CA ARG A 59 -23.03 12.30 -1.68
C ARG A 59 -22.80 12.62 -3.15
N GLN A 60 -22.42 13.85 -3.47
CA GLN A 60 -22.25 14.23 -4.87
C GLN A 60 -21.06 13.52 -5.50
N ILE A 61 -20.04 13.17 -4.71
CA ILE A 61 -18.85 12.52 -5.22
C ILE A 61 -18.77 11.07 -4.75
N TYR A 62 -19.89 10.50 -4.31
CA TYR A 62 -19.90 9.08 -3.98
C TYR A 62 -19.64 8.21 -5.20
N ASP A 63 -20.22 8.58 -6.35
CA ASP A 63 -20.12 7.76 -7.54
C ASP A 63 -18.71 7.71 -8.11
N LYS A 64 -17.81 8.56 -7.65
CA LYS A 64 -16.44 8.63 -8.16
C LYS A 64 -15.46 7.77 -7.38
N PHE A 65 -15.94 7.00 -6.41
CA PHE A 65 -15.09 6.31 -5.46
C PHE A 65 -15.67 4.93 -5.15
N PRO A 66 -14.84 3.99 -4.74
CA PRO A 66 -15.32 2.61 -4.56
C PRO A 66 -16.27 2.49 -3.38
N GLU A 67 -16.99 1.37 -3.34
CA GLU A 67 -18.28 1.34 -2.65
C GLU A 67 -18.52 0.03 -1.88
N LYS A 68 -17.46 -0.70 -1.51
CA LYS A 68 -17.64 -1.92 -0.72
C LYS A 68 -17.03 -1.81 0.67
N LYS A 69 -15.73 -1.56 0.77
CA LYS A 69 -15.05 -1.56 2.07
C LYS A 69 -13.83 -0.67 1.94
N GLY A 70 -13.82 0.45 2.67
CA GLY A 70 -12.75 1.42 2.54
C GLY A 70 -12.89 2.37 1.36
N GLY A 71 -14.05 2.43 0.71
CA GLY A 71 -14.49 3.62 0.03
C GLY A 71 -15.43 4.46 0.87
N LEU A 72 -16.01 5.48 0.23
CA LEU A 72 -16.39 6.70 0.94
C LEU A 72 -17.61 6.47 1.82
N ARG A 73 -18.54 5.63 1.37
CA ARG A 73 -19.77 5.42 2.11
C ARG A 73 -19.49 4.77 3.47
N GLU A 74 -18.65 3.73 3.47
CA GLU A 74 -18.31 3.07 4.73
C GLU A 74 -17.47 3.98 5.61
N LEU A 75 -16.52 4.71 5.03
CA LEU A 75 -15.62 5.52 5.83
C LEU A 75 -16.36 6.68 6.49
N TYR A 76 -17.25 7.35 5.76
CA TYR A 76 -17.99 8.46 6.35
C TYR A 76 -18.98 7.95 7.40
N ASP A 77 -19.57 6.78 7.17
CA ASP A 77 -20.41 6.16 8.20
C ASP A 77 -19.59 5.64 9.37
N ARG A 78 -18.32 5.30 9.13
CA ARG A 78 -17.41 5.07 10.25
C ARG A 78 -17.20 6.33 11.08
N GLY A 79 -17.07 7.48 10.41
CA GLY A 79 -16.70 8.71 11.08
C GLY A 79 -15.21 8.78 11.33
N PRO A 80 -14.77 9.85 12.01
CA PRO A 80 -15.59 11.00 12.39
C PRO A 80 -15.84 11.96 11.24
N PRO A 81 -17.04 12.56 11.20
CA PRO A 81 -17.41 13.38 10.04
C PRO A 81 -16.51 14.59 9.83
N HIS A 82 -15.87 15.09 10.89
CA HIS A 82 -15.07 16.30 10.78
C HIS A 82 -13.70 16.04 10.16
N ALA A 83 -13.34 14.79 9.92
CA ALA A 83 -12.02 14.44 9.40
C ALA A 83 -11.97 14.34 7.88
N PHE A 84 -13.08 14.64 7.20
CA PHE A 84 -13.24 14.30 5.80
C PHE A 84 -13.16 15.58 4.96
N PHE A 85 -12.32 15.55 3.92
CA PHE A 85 -12.02 16.73 3.13
C PHE A 85 -12.02 16.35 1.66
N LEU A 86 -12.39 17.32 0.81
CA LEU A 86 -12.22 17.22 -0.62
C LEU A 86 -11.24 18.28 -1.09
N VAL A 87 -10.25 17.87 -1.88
CA VAL A 87 -9.27 18.78 -2.46
C VAL A 87 -9.38 18.68 -3.97
N LYS A 88 -9.54 19.84 -4.63
CA LYS A 88 -9.55 19.92 -6.08
C LYS A 88 -8.21 20.44 -6.55
N PHE A 89 -7.55 19.70 -7.43
CA PHE A 89 -6.22 20.03 -7.92
C PHE A 89 -6.32 20.49 -9.37
N TRP A 90 -5.65 21.61 -9.67
CA TRP A 90 -5.28 21.95 -11.04
C TRP A 90 -3.81 21.60 -11.23
N ALA A 91 -3.55 20.44 -11.83
CA ALA A 91 -2.19 19.95 -11.97
C ALA A 91 -1.44 20.75 -13.02
N ASP A 92 -0.12 20.87 -12.83
CA ASP A 92 0.76 21.49 -13.80
C ASP A 92 1.48 20.41 -14.59
N LEU A 93 1.26 20.39 -15.91
CA LEU A 93 1.62 19.26 -16.75
C LEU A 93 2.50 19.72 -17.91
N ASN A 94 3.47 20.59 -17.63
CA ASN A 94 4.52 20.94 -18.58
C ASN A 94 5.87 20.84 -17.88
N TRP A 95 6.72 19.95 -18.37
CA TRP A 95 8.09 19.84 -17.86
C TRP A 95 8.97 19.09 -18.86
N SER A 110 12.81 12.97 -19.49
CA SER A 110 12.03 11.74 -19.49
C SER A 110 12.31 10.91 -18.25
N GLY A 111 13.58 10.84 -17.85
CA GLY A 111 14.06 9.77 -17.00
C GLY A 111 14.46 10.24 -15.63
N GLY A 112 13.74 11.22 -15.10
CA GLY A 112 14.03 11.79 -13.79
C GLY A 112 13.34 11.04 -12.67
N PHE A 113 13.33 11.67 -11.49
CA PHE A 113 12.78 11.09 -10.30
C PHE A 113 11.40 11.66 -10.03
N TYR A 114 10.41 10.78 -9.86
CA TYR A 114 9.02 11.17 -9.63
C TYR A 114 8.65 10.82 -8.19
N GLY A 115 8.16 11.80 -7.46
CA GLY A 115 8.26 11.78 -6.00
C GLY A 115 7.00 12.34 -5.38
N VAL A 116 6.68 11.81 -4.20
CA VAL A 116 5.64 12.37 -3.34
C VAL A 116 6.25 12.62 -1.96
N SER A 117 6.00 13.80 -1.42
CA SER A 117 6.41 14.15 -0.05
C SER A 117 5.18 14.57 0.74
N SER A 118 5.04 14.00 1.94
CA SER A 118 3.98 14.39 2.87
C SER A 118 4.57 14.64 4.23
N GLN A 119 4.06 15.67 4.92
CA GLN A 119 4.34 15.90 6.32
C GLN A 119 3.04 16.15 7.07
N TYR A 120 2.91 15.51 8.23
CA TYR A 120 1.80 15.75 9.14
C TYR A 120 2.34 16.14 10.51
N GLU A 121 1.45 16.68 11.34
CA GLU A 121 1.82 17.17 12.67
C GLU A 121 0.65 17.00 13.61
N SER A 122 0.96 16.69 14.86
CA SER A 122 -0.07 16.24 15.80
C SER A 122 0.42 16.49 17.22
N LEU A 123 -0.52 16.48 18.16
CA LEU A 123 -0.21 16.63 19.58
C LEU A 123 0.09 15.30 20.27
N GLU A 124 -0.38 14.19 19.72
CA GLU A 124 -0.10 12.88 20.30
C GLU A 124 1.11 12.25 19.62
N HIS A 125 1.74 11.33 20.35
CA HIS A 125 2.54 10.27 19.73
C HIS A 125 1.59 9.18 19.21
N MET A 126 1.47 9.08 17.90
CA MET A 126 0.79 7.96 17.25
C MET A 126 1.75 7.27 16.29
N THR A 127 1.31 6.13 15.77
CA THR A 127 1.82 5.57 14.53
C THR A 127 0.77 5.73 13.45
N LEU A 128 1.15 6.35 12.34
CA LEU A 128 0.24 6.65 11.24
C LEU A 128 0.31 5.56 10.18
N THR A 129 -0.86 5.13 9.72
CA THR A 129 -0.99 4.33 8.51
C THR A 129 -1.63 5.16 7.43
N CYS A 130 -0.89 5.43 6.36
CA CYS A 130 -1.39 6.20 5.23
C CYS A 130 -1.71 5.26 4.08
N SER A 131 -2.96 5.27 3.63
CA SER A 131 -3.37 4.62 2.41
C SER A 131 -3.59 5.64 1.31
N SER A 132 -3.12 5.33 0.11
CA SER A 132 -3.45 6.09 -1.10
C SER A 132 -4.11 5.13 -2.08
N LYS A 133 -5.43 5.21 -2.19
CA LYS A 133 -6.15 4.51 -3.24
C LYS A 133 -6.25 5.38 -4.47
N VAL A 134 -5.88 4.84 -5.63
CA VAL A 134 -6.05 5.49 -6.92
C VAL A 134 -7.17 4.77 -7.66
N CYS A 135 -8.15 5.53 -8.14
CA CYS A 135 -9.38 4.99 -8.70
C CYS A 135 -9.56 5.53 -10.11
N SER A 136 -9.83 4.64 -11.06
CA SER A 136 -10.21 5.02 -12.41
C SER A 136 -11.67 4.64 -12.64
N PHE A 137 -12.48 5.64 -13.00
CA PHE A 137 -13.94 5.47 -13.12
C PHE A 137 -14.54 4.94 -11.83
N GLY A 138 -13.98 5.37 -10.70
CA GLY A 138 -14.58 5.10 -9.41
C GLY A 138 -14.39 3.69 -8.89
N LYS A 139 -13.46 2.93 -9.45
CA LYS A 139 -13.04 1.65 -8.91
C LYS A 139 -11.53 1.66 -8.65
N GLN A 140 -11.14 1.03 -7.54
CA GLN A 140 -9.73 1.08 -7.13
C GLN A 140 -8.85 0.33 -8.12
N VAL A 141 -7.72 0.94 -8.47
CA VAL A 141 -6.81 0.40 -9.47
C VAL A 141 -5.46 0.04 -8.87
N VAL A 142 -4.83 0.98 -8.15
CA VAL A 142 -3.66 0.69 -7.33
C VAL A 142 -3.88 1.29 -5.95
N GLU A 143 -3.11 0.79 -4.99
CA GLU A 143 -3.12 1.31 -3.63
C GLU A 143 -1.75 1.08 -3.00
N LYS A 144 -1.24 2.11 -2.33
CA LYS A 144 -0.03 1.98 -1.53
C LYS A 144 -0.33 2.34 -0.07
N VAL A 145 0.21 1.54 0.85
CA VAL A 145 0.00 1.73 2.27
C VAL A 145 1.37 1.89 2.93
N GLU A 146 1.55 2.99 3.65
CA GLU A 146 2.82 3.31 4.28
C GLU A 146 2.61 3.54 5.78
N THR A 147 3.59 3.13 6.58
CA THR A 147 3.58 3.34 8.01
C THR A 147 4.68 4.31 8.39
N GLU A 148 4.34 5.33 9.18
CA GLU A 148 5.30 6.26 9.73
C GLU A 148 5.06 6.45 11.22
N ARG A 149 6.14 6.58 11.98
CA ARG A 149 6.06 6.78 13.42
C ARG A 149 6.34 8.25 13.76
N ALA A 150 5.75 8.70 14.86
CA ALA A 150 6.02 10.05 15.35
C ALA A 150 7.49 10.20 15.73
N GLN A 151 8.08 11.32 15.32
CA GLN A 151 9.30 11.84 15.92
C GLN A 151 9.01 13.18 16.60
N LEU A 152 9.45 13.31 17.84
CA LEU A 152 9.12 14.46 18.67
C LEU A 152 10.03 15.62 18.29
N GLU A 153 9.43 16.73 17.86
CA GLU A 153 10.17 17.97 17.56
C GLU A 153 9.43 19.14 18.17
N ASP A 154 10.03 19.75 19.20
CA ASP A 154 9.65 21.08 19.67
C ASP A 154 8.25 21.06 20.29
N GLY A 155 7.95 20.02 21.05
CA GLY A 155 6.68 19.91 21.74
C GLY A 155 5.54 19.39 20.91
N ARG A 156 5.76 19.11 19.63
CA ARG A 156 4.76 18.51 18.76
C ARG A 156 5.38 17.37 17.97
N PHE A 157 4.55 16.39 17.62
CA PHE A 157 5.01 15.15 17.01
C PHE A 157 4.85 15.25 15.50
N VAL A 158 5.90 14.90 14.76
CA VAL A 158 6.03 15.20 13.34
C VAL A 158 6.16 13.90 12.58
N TYR A 159 5.42 13.77 11.48
CA TYR A 159 5.41 12.58 10.65
C TYR A 159 5.84 12.96 9.25
N ARG A 160 6.91 12.33 8.77
CA ARG A 160 7.61 12.77 7.56
C ARG A 160 7.66 11.60 6.58
N LEU A 161 6.72 11.58 5.63
CA LEU A 161 6.76 10.67 4.50
C LEU A 161 7.33 11.43 3.29
N LEU A 162 8.65 11.62 3.33
CA LEU A 162 9.31 12.55 2.42
C LEU A 162 9.89 11.79 1.23
N ARG A 163 9.73 12.36 0.04
CA ARG A 163 10.42 11.89 -1.17
C ARG A 163 10.09 10.43 -1.44
N SER A 164 8.86 10.04 -1.16
CA SER A 164 8.40 8.69 -1.49
C SER A 164 8.33 8.56 -3.00
N PRO A 165 8.85 7.46 -3.58
CA PRO A 165 8.76 7.28 -5.03
C PRO A 165 7.32 7.15 -5.48
N MET A 166 6.94 7.95 -6.47
CA MET A 166 5.60 7.88 -7.04
C MET A 166 5.42 6.54 -7.74
N CYS A 167 4.29 5.88 -7.50
CA CYS A 167 4.14 4.52 -7.98
C CYS A 167 3.88 4.52 -9.48
N GLU A 168 4.28 3.43 -10.13
CA GLU A 168 4.65 3.49 -11.55
C GLU A 168 3.43 3.64 -12.44
N TYR A 169 2.24 3.32 -11.93
CA TYR A 169 1.01 3.59 -12.69
C TYR A 169 0.85 5.08 -12.95
N LEU A 170 1.10 5.91 -11.93
CA LEU A 170 0.85 7.33 -12.06
C LEU A 170 1.91 8.05 -12.87
N VAL A 171 3.16 7.61 -12.77
CA VAL A 171 4.22 8.16 -13.63
C VAL A 171 3.91 7.85 -15.10
N ASN A 172 3.50 6.62 -15.39
CA ASN A 172 3.07 6.29 -16.75
C ASN A 172 1.81 7.06 -17.13
N PHE A 173 0.90 7.24 -16.18
CA PHE A 173 -0.30 8.04 -16.45
C PHE A 173 0.07 9.47 -16.84
N LEU A 174 1.03 10.06 -16.13
CA LEU A 174 1.36 11.47 -16.36
C LEU A 174 1.97 11.68 -17.74
N HIS A 175 2.87 10.78 -18.16
CA HIS A 175 3.48 10.92 -19.48
C HIS A 175 2.42 10.80 -20.58
N LYS A 176 1.52 9.82 -20.45
CA LYS A 176 0.49 9.64 -21.46
C LYS A 176 -0.57 10.73 -21.39
N LEU A 177 -0.87 11.23 -20.19
CA LEU A 177 -1.76 12.37 -20.07
C LEU A 177 -1.16 13.61 -20.71
N ARG A 178 0.15 13.82 -20.55
CA ARG A 178 0.80 14.97 -21.16
C ARG A 178 0.72 14.94 -22.68
N GLN A 179 0.69 13.74 -23.27
CA GLN A 179 0.73 13.62 -24.72
C GLN A 179 -0.50 14.20 -25.39
N LEU A 180 -1.60 14.37 -24.65
CA LEU A 180 -2.91 14.47 -25.27
C LEU A 180 -3.02 15.78 -26.04
N PRO A 181 -3.49 15.75 -27.30
CA PRO A 181 -3.33 16.92 -28.18
C PRO A 181 -4.29 18.05 -27.86
N GLU A 182 -5.26 17.83 -26.98
CA GLU A 182 -6.05 18.92 -26.43
C GLU A 182 -5.89 18.97 -24.92
N ARG A 183 -5.97 20.19 -24.39
CA ARG A 183 -6.02 20.39 -22.95
C ARG A 183 -7.37 19.98 -22.36
N TYR A 184 -8.46 20.18 -23.10
CA TYR A 184 -9.76 19.73 -22.61
C TYR A 184 -9.93 18.22 -22.71
N MET A 185 -9.13 17.56 -23.55
CA MET A 185 -9.09 16.09 -23.52
C MET A 185 -8.48 15.59 -22.20
N MET A 186 -7.48 16.30 -21.67
CA MET A 186 -6.92 15.92 -20.38
C MET A 186 -7.96 16.03 -19.27
N ASN A 187 -8.76 17.11 -19.29
CA ASN A 187 -9.79 17.28 -18.29
C ASN A 187 -10.88 16.23 -18.41
N SER A 188 -11.19 15.79 -19.63
CA SER A 188 -12.10 14.67 -19.81
C SER A 188 -11.55 13.39 -19.18
N VAL A 189 -10.25 13.14 -19.36
CA VAL A 189 -9.63 11.95 -18.78
C VAL A 189 -9.58 12.07 -17.26
N LEU A 190 -9.14 13.24 -16.76
CA LEU A 190 -9.02 13.44 -15.32
C LEU A 190 -10.37 13.48 -14.61
N GLU A 191 -11.47 13.63 -15.35
CA GLU A 191 -12.79 13.61 -14.73
C GLU A 191 -13.06 12.29 -14.04
N ASN A 192 -12.60 11.18 -14.64
CA ASN A 192 -12.82 9.85 -14.11
C ASN A 192 -11.63 9.33 -13.31
N PHE A 193 -10.68 10.20 -12.96
CA PHE A 193 -9.49 9.81 -12.23
C PHE A 193 -9.50 10.51 -10.88
N THR A 194 -9.53 9.72 -9.80
CA THR A 194 -9.59 10.26 -8.45
C THR A 194 -8.63 9.50 -7.55
N ILE A 195 -8.18 10.17 -6.49
CA ILE A 195 -7.34 9.56 -5.46
C ILE A 195 -8.05 9.73 -4.11
N LEU A 196 -8.18 8.63 -3.38
CA LEU A 196 -8.70 8.65 -2.02
C LEU A 196 -7.61 8.26 -1.04
N GLN A 197 -7.52 8.98 0.08
CA GLN A 197 -6.33 9.03 0.90
C GLN A 197 -6.75 9.03 2.36
N VAL A 198 -6.49 7.92 3.05
CA VAL A 198 -7.02 7.67 4.39
C VAL A 198 -5.84 7.48 5.33
N VAL A 199 -5.83 8.25 6.42
CA VAL A 199 -4.78 8.20 7.42
C VAL A 199 -5.40 7.71 8.72
N THR A 200 -4.86 6.62 9.27
CA THR A 200 -5.40 5.98 10.46
C THR A 200 -4.33 5.89 11.53
N ASN A 201 -4.78 5.89 12.79
CA ASN A 201 -3.94 5.38 13.88
C ASN A 201 -3.72 3.88 13.71
N ARG A 202 -2.45 3.48 13.56
CA ARG A 202 -2.15 2.08 13.30
C ARG A 202 -2.55 1.19 14.48
N ASP A 203 -2.29 1.64 15.71
CA ASP A 203 -2.60 0.83 16.88
C ASP A 203 -4.10 0.63 17.04
N THR A 204 -4.89 1.67 16.80
CA THR A 204 -6.26 1.75 17.31
C THR A 204 -7.30 1.85 16.20
N GLN A 205 -6.90 1.95 14.94
CA GLN A 205 -7.76 1.93 13.78
C GLN A 205 -8.75 3.10 13.76
N GLU A 206 -8.56 4.11 14.61
CA GLU A 206 -9.25 5.37 14.44
C GLU A 206 -8.86 6.00 13.11
N LEU A 207 -9.87 6.47 12.37
CA LEU A 207 -9.62 7.39 11.26
C LEU A 207 -9.24 8.75 11.81
N LEU A 208 -8.13 9.30 11.31
CA LEU A 208 -7.72 10.66 11.63
C LEU A 208 -7.97 11.65 10.49
N LEU A 209 -7.89 11.19 9.24
CA LEU A 209 -7.88 12.11 8.10
C LEU A 209 -8.25 11.31 6.86
N CYS A 210 -9.33 11.71 6.19
CA CYS A 210 -9.68 11.18 4.88
C CYS A 210 -9.80 12.34 3.91
N THR A 211 -9.04 12.29 2.83
CA THR A 211 -9.04 13.34 1.82
C THR A 211 -9.34 12.73 0.46
N ALA A 212 -10.37 13.25 -0.21
CA ALA A 212 -10.69 12.87 -1.58
C ALA A 212 -10.14 13.92 -2.53
N TYR A 213 -9.40 13.47 -3.54
CA TYR A 213 -8.78 14.35 -4.52
C TYR A 213 -9.49 14.20 -5.85
N VAL A 214 -9.94 15.33 -6.42
CA VAL A 214 -10.39 15.39 -7.80
C VAL A 214 -9.51 16.37 -8.55
N PHE A 215 -9.40 16.16 -9.86
CA PHE A 215 -8.25 16.63 -10.63
C PHE A 215 -8.74 17.35 -11.88
N GLU A 216 -8.24 18.56 -12.10
CA GLU A 216 -8.16 19.17 -13.41
C GLU A 216 -6.71 19.46 -13.77
N VAL A 217 -6.48 19.75 -15.04
CA VAL A 217 -5.19 20.27 -15.50
C VAL A 217 -5.20 21.79 -15.39
N SER A 218 -4.07 22.36 -15.03
CA SER A 218 -3.90 23.81 -15.16
C SER A 218 -3.44 24.15 -16.57
N THR A 219 -3.60 25.43 -16.92
CA THR A 219 -2.91 25.97 -18.08
C THR A 219 -1.41 26.10 -17.80
N SER A 220 -0.64 26.23 -18.89
CA SER A 220 0.81 26.18 -18.77
C SER A 220 1.36 27.37 -17.99
N GLU A 221 0.86 28.57 -18.28
CA GLU A 221 1.39 29.78 -17.66
C GLU A 221 0.93 29.94 -16.21
N ARG A 222 -0.17 29.31 -15.82
CA ARG A 222 -0.52 29.21 -14.41
C ARG A 222 0.23 28.05 -13.76
N GLY A 223 0.54 28.22 -12.48
CA GLY A 223 1.09 27.16 -11.68
C GLY A 223 0.05 26.13 -11.28
N ALA A 224 0.51 25.13 -10.53
CA ALA A 224 -0.41 24.29 -9.78
C ALA A 224 -1.16 25.11 -8.74
N GLN A 225 -2.42 24.75 -8.51
CA GLN A 225 -3.21 25.36 -7.46
C GLN A 225 -4.24 24.35 -6.96
N HIS A 226 -4.82 24.65 -5.80
CA HIS A 226 -5.72 23.73 -5.13
C HIS A 226 -6.83 24.52 -4.45
N HIS A 227 -8.00 23.87 -4.31
CA HIS A 227 -9.05 24.35 -3.44
C HIS A 227 -9.45 23.23 -2.48
N ILE A 228 -9.65 23.59 -1.22
CA ILE A 228 -9.89 22.62 -0.15
C ILE A 228 -11.31 22.83 0.37
N TYR A 229 -12.10 21.76 0.37
CA TYR A 229 -13.44 21.77 0.93
C TYR A 229 -13.53 20.78 2.08
N ARG A 230 -14.40 21.08 3.03
CA ARG A 230 -14.91 20.06 3.93
C ARG A 230 -15.99 19.23 3.25
N LEU A 231 -15.99 17.92 3.51
CA LEU A 231 -17.08 17.05 3.12
C LEU A 231 -18.08 16.94 4.26
N VAL A 232 -19.36 17.23 3.95
CA VAL A 232 -20.43 17.33 4.93
C VAL A 232 -21.58 16.46 4.45
N ARG A 233 -22.47 16.07 5.37
CA ARG A 233 -23.61 15.25 4.97
C ARG A 233 -24.86 15.60 5.76
N ASP A 234 -25.99 15.44 5.08
CA ASP A 234 -27.33 15.51 5.68
C ASP A 234 -27.80 14.14 6.12
N GLN B 6 19.75 -27.05 1.16
CA GLN B 6 20.20 -26.34 2.36
C GLN B 6 19.10 -26.27 3.41
N ALA B 7 17.92 -25.80 3.00
CA ALA B 7 16.91 -25.34 3.94
C ALA B 7 16.04 -26.50 4.39
N ARG B 8 15.63 -26.46 5.66
CA ARG B 8 14.55 -27.31 6.16
C ARG B 8 13.27 -26.56 6.50
N GLY B 9 13.35 -25.24 6.68
CA GLY B 9 12.15 -24.43 6.80
C GLY B 9 12.24 -23.11 6.07
N LEU B 10 11.33 -22.18 6.37
CA LEU B 10 11.16 -20.96 5.60
C LEU B 10 12.04 -19.88 6.22
N GLY B 11 13.24 -19.74 5.68
CA GLY B 11 14.01 -18.52 5.82
C GLY B 11 15.49 -18.82 5.81
N THR B 12 16.27 -17.78 6.11
CA THR B 12 17.72 -17.84 5.99
C THR B 12 18.33 -18.15 7.36
N ALA B 13 19.66 -18.26 7.38
CA ALA B 13 20.40 -18.27 8.64
C ALA B 13 20.28 -16.95 9.41
N ARG B 14 19.69 -15.92 8.80
CA ARG B 14 19.64 -14.59 9.38
C ARG B 14 18.27 -14.18 9.86
N LEU B 15 17.20 -14.82 9.38
CA LEU B 15 15.84 -14.47 9.75
C LEU B 15 14.92 -15.65 9.50
N GLN B 16 14.20 -16.08 10.53
CA GLN B 16 13.26 -17.19 10.43
C GLN B 16 11.84 -16.66 10.47
N LEU B 17 11.01 -17.13 9.54
CA LEU B 17 9.57 -17.15 9.75
C LEU B 17 9.20 -18.35 10.61
N VAL B 18 8.61 -18.09 11.77
CA VAL B 18 8.24 -19.14 12.71
C VAL B 18 6.75 -19.44 12.67
N GLU B 19 5.91 -18.42 12.53
CA GLU B 19 4.47 -18.63 12.46
C GLU B 19 3.84 -17.51 11.64
N PHE B 20 2.85 -17.87 10.83
CA PHE B 20 2.11 -16.89 10.05
C PHE B 20 0.70 -17.41 9.81
N SER B 21 -0.28 -16.52 9.90
CA SER B 21 -1.67 -16.87 9.60
C SER B 21 -2.38 -15.67 9.01
N ALA B 22 -3.32 -15.93 8.12
CA ALA B 22 -4.35 -14.97 7.72
C ALA B 22 -5.72 -15.56 7.99
N PHE B 23 -6.58 -14.81 8.68
CA PHE B 23 -7.66 -15.38 9.45
C PHE B 23 -8.81 -14.39 9.53
N VAL B 24 -10.00 -14.92 9.84
CA VAL B 24 -11.20 -14.11 10.04
C VAL B 24 -11.78 -14.44 11.40
N GLU B 25 -12.16 -13.41 12.16
CA GLU B 25 -12.83 -13.57 13.43
C GLU B 25 -14.27 -13.13 13.31
N PRO B 26 -15.26 -13.99 13.62
CA PRO B 26 -16.67 -13.59 13.74
C PRO B 26 -16.90 -12.50 14.78
N GLN B 34 -12.69 -17.44 18.51
CA GLN B 34 -12.39 -18.50 17.55
C GLN B 34 -12.37 -17.97 16.13
N ARG B 35 -11.49 -18.52 15.29
CA ARG B 35 -11.25 -17.98 13.96
C ARG B 35 -11.24 -19.11 12.94
N HIS B 36 -11.57 -18.75 11.70
CA HIS B 36 -11.23 -19.55 10.53
C HIS B 36 -9.92 -19.03 9.94
N LEU B 37 -8.98 -19.94 9.68
CA LEU B 37 -7.69 -19.59 9.08
C LEU B 37 -7.78 -19.85 7.58
N PHE B 38 -7.68 -18.78 6.79
CA PHE B 38 -7.55 -18.94 5.34
C PHE B 38 -6.27 -19.68 4.99
N VAL B 39 -5.14 -19.20 5.50
CA VAL B 39 -3.84 -19.86 5.35
C VAL B 39 -3.15 -19.86 6.70
N HIS B 40 -2.21 -20.80 6.86
CA HIS B 40 -1.52 -20.98 8.13
C HIS B 40 -0.18 -21.63 7.86
N ILE B 41 0.90 -20.96 8.25
CA ILE B 41 2.21 -21.59 8.45
C ILE B 41 2.56 -21.50 9.92
N SER B 42 2.95 -22.62 10.52
CA SER B 42 3.69 -22.65 11.76
C SER B 42 4.89 -23.57 11.61
N GLN B 43 6.00 -23.19 12.25
CA GLN B 43 7.26 -23.90 12.09
C GLN B 43 7.95 -24.13 13.43
N PRO B 51 14.23 -33.89 5.46
CA PRO B 51 13.26 -33.24 4.58
C PRO B 51 13.77 -31.90 4.02
N PRO B 52 14.53 -31.95 2.93
CA PRO B 52 14.94 -30.71 2.26
C PRO B 52 13.79 -30.12 1.45
N LEU B 53 13.70 -28.79 1.46
CA LEU B 53 12.68 -28.10 0.68
C LEU B 53 12.94 -28.24 -0.80
N GLU B 54 11.86 -28.33 -1.57
CA GLU B 54 11.97 -28.61 -2.99
C GLU B 54 12.45 -27.37 -3.75
N SER B 55 12.81 -27.58 -5.01
CA SER B 55 13.46 -26.56 -5.83
C SER B 55 12.54 -26.16 -6.97
N VAL B 56 12.26 -24.87 -7.07
CA VAL B 56 11.51 -24.30 -8.19
C VAL B 56 12.36 -23.22 -8.84
N ASP B 57 12.55 -23.33 -10.16
CA ASP B 57 13.32 -22.34 -10.89
C ASP B 57 12.53 -21.05 -11.01
N VAL B 58 13.20 -19.92 -10.73
CA VAL B 58 12.49 -18.66 -10.54
C VAL B 58 11.95 -18.11 -11.86
N ARG B 59 12.52 -18.53 -12.99
CA ARG B 59 12.09 -18.00 -14.29
C ARG B 59 10.73 -18.54 -14.72
N GLN B 60 10.22 -19.56 -14.05
CA GLN B 60 8.85 -19.99 -14.28
C GLN B 60 7.86 -18.88 -13.94
N ILE B 61 8.11 -18.16 -12.85
CA ILE B 61 7.08 -17.33 -12.22
C ILE B 61 7.48 -15.86 -12.34
N TYR B 62 8.26 -15.53 -13.39
CA TYR B 62 8.51 -14.12 -13.70
C TYR B 62 7.23 -13.41 -14.11
N ASP B 63 6.31 -14.11 -14.77
CA ASP B 63 5.24 -13.46 -15.51
C ASP B 63 4.05 -13.09 -14.62
N LYS B 64 4.01 -13.58 -13.38
CA LYS B 64 2.97 -13.22 -12.43
C LYS B 64 3.43 -12.17 -11.43
N PHE B 65 4.56 -11.53 -11.66
CA PHE B 65 5.13 -10.53 -10.77
C PHE B 65 5.69 -9.39 -11.62
N PRO B 66 5.74 -8.17 -11.07
CA PRO B 66 5.92 -6.98 -11.91
C PRO B 66 7.32 -6.95 -12.53
N GLU B 67 7.56 -5.98 -13.42
CA GLU B 67 8.73 -6.00 -14.29
C GLU B 67 9.60 -4.75 -14.13
N LYS B 68 10.80 -4.93 -13.56
CA LYS B 68 11.85 -3.91 -13.48
C LYS B 68 11.39 -2.71 -12.67
N LYS B 69 10.44 -2.97 -11.77
CA LYS B 69 9.96 -2.04 -10.75
C LYS B 69 10.09 -2.69 -9.39
N GLY B 70 11.28 -3.21 -9.09
CA GLY B 70 11.46 -4.19 -8.04
C GLY B 70 10.68 -5.45 -8.31
N GLY B 71 10.84 -6.02 -9.50
CA GLY B 71 10.24 -7.29 -9.83
C GLY B 71 11.04 -8.44 -9.26
N LEU B 72 10.59 -9.66 -9.60
CA LEU B 72 11.14 -10.83 -8.92
C LEU B 72 12.59 -11.09 -9.28
N ARG B 73 13.07 -10.56 -10.40
CA ARG B 73 14.40 -10.90 -10.90
C ARG B 73 15.38 -9.74 -10.87
N GLU B 74 14.90 -8.50 -10.86
CA GLU B 74 15.73 -7.40 -10.36
C GLU B 74 16.06 -7.59 -8.88
N LEU B 75 15.08 -8.05 -8.09
CA LEU B 75 15.38 -8.44 -6.71
C LEU B 75 16.30 -9.64 -6.67
N TYR B 76 16.09 -10.63 -7.54
CA TYR B 76 16.91 -11.83 -7.52
C TYR B 76 18.34 -11.56 -8.00
N ASP B 77 18.50 -10.66 -8.97
CA ASP B 77 19.83 -10.34 -9.46
C ASP B 77 20.68 -9.64 -8.41
N ARG B 78 20.05 -8.84 -7.53
CA ARG B 78 20.74 -8.33 -6.36
C ARG B 78 21.21 -9.46 -5.46
N GLY B 79 20.38 -10.49 -5.29
CA GLY B 79 20.64 -11.53 -4.33
C GLY B 79 20.24 -11.12 -2.93
N PRO B 80 20.58 -11.96 -1.93
CA PRO B 80 21.23 -13.25 -2.16
C PRO B 80 20.24 -14.36 -2.52
N PRO B 81 20.61 -15.22 -3.47
CA PRO B 81 19.63 -16.17 -4.02
C PRO B 81 19.11 -17.18 -3.02
N HIS B 82 19.83 -17.42 -1.93
CA HIS B 82 19.35 -18.35 -0.90
C HIS B 82 18.18 -17.79 -0.10
N ALA B 83 17.88 -16.50 -0.25
CA ALA B 83 16.85 -15.84 0.53
C ALA B 83 15.48 -15.86 -0.15
N PHE B 84 15.38 -16.46 -1.33
CA PHE B 84 14.19 -16.34 -2.18
C PHE B 84 13.44 -17.66 -2.16
N PHE B 85 12.13 -17.59 -1.90
CA PHE B 85 11.33 -18.77 -1.62
C PHE B 85 10.01 -18.66 -2.35
N LEU B 86 9.42 -19.82 -2.65
CA LEU B 86 8.03 -19.94 -3.08
C LEU B 86 7.21 -20.59 -1.98
N VAL B 87 6.04 -20.02 -1.71
CA VAL B 87 4.96 -20.71 -1.00
C VAL B 87 3.78 -20.83 -1.93
N LYS B 88 3.27 -22.05 -2.09
CA LYS B 88 1.94 -22.28 -2.63
C LYS B 88 0.96 -22.51 -1.48
N PHE B 89 -0.15 -21.79 -1.49
CA PHE B 89 -1.19 -21.92 -0.49
C PHE B 89 -2.41 -22.59 -1.11
N TRP B 90 -2.98 -23.56 -0.40
CA TRP B 90 -4.30 -24.08 -0.71
C TRP B 90 -5.26 -23.58 0.37
N ALA B 91 -5.85 -22.40 0.13
CA ALA B 91 -6.53 -21.66 1.18
C ALA B 91 -7.89 -22.27 1.48
N ASP B 92 -8.29 -22.21 2.74
CA ASP B 92 -9.61 -22.66 3.17
C ASP B 92 -10.57 -21.48 3.15
N LEU B 93 -11.48 -21.46 2.18
CA LEU B 93 -12.44 -20.38 2.00
C LEU B 93 -13.80 -20.70 2.60
N ASN B 94 -13.85 -21.58 3.59
CA ASN B 94 -15.10 -22.19 4.06
C ASN B 94 -15.48 -21.52 5.37
N TRP B 95 -16.33 -20.50 5.28
CA TRP B 95 -17.04 -19.97 6.45
C TRP B 95 -18.26 -19.16 6.03
N PHE B 113 -13.76 -9.47 11.83
CA PHE B 113 -12.41 -8.94 11.73
C PHE B 113 -11.54 -9.82 10.86
N TYR B 114 -10.96 -9.25 9.80
CA TYR B 114 -10.07 -9.95 8.90
C TYR B 114 -8.64 -9.54 9.22
N GLY B 115 -7.80 -10.51 9.58
CA GLY B 115 -6.56 -10.22 10.27
C GLY B 115 -5.43 -11.07 9.72
N VAL B 116 -4.22 -10.55 9.85
CA VAL B 116 -3.01 -11.28 9.49
C VAL B 116 -2.02 -11.19 10.65
N SER B 117 -1.38 -12.31 10.95
CA SER B 117 -0.42 -12.40 12.04
C SER B 117 0.89 -12.97 11.51
N SER B 118 1.98 -12.25 11.72
CA SER B 118 3.32 -12.73 11.40
C SER B 118 4.20 -12.60 12.62
N GLN B 119 4.88 -13.69 12.98
CA GLN B 119 6.02 -13.65 13.89
C GLN B 119 7.27 -14.05 13.12
N TYR B 120 8.33 -13.26 13.28
CA TYR B 120 9.65 -13.59 12.76
C TYR B 120 10.63 -13.70 13.92
N GLU B 121 11.90 -13.88 13.58
CA GLU B 121 12.86 -14.49 14.49
C GLU B 121 14.27 -14.26 13.95
N SER B 122 15.18 -13.88 14.84
CA SER B 122 16.58 -13.75 14.47
C SER B 122 17.43 -13.84 15.73
N LEU B 123 18.73 -14.06 15.54
CA LEU B 123 19.71 -13.89 16.61
C LEU B 123 20.34 -12.50 16.62
N GLU B 124 20.23 -11.74 15.53
CA GLU B 124 20.74 -10.39 15.48
C GLU B 124 19.63 -9.39 15.74
N HIS B 125 19.96 -8.32 16.46
CA HIS B 125 19.03 -7.21 16.66
C HIS B 125 18.95 -6.39 15.38
N MET B 126 17.74 -6.28 14.83
CA MET B 126 17.52 -5.62 13.55
C MET B 126 16.22 -4.82 13.63
N THR B 127 16.08 -3.89 12.69
CA THR B 127 14.78 -3.35 12.32
C THR B 127 14.41 -3.84 10.93
N LEU B 128 13.19 -4.36 10.78
CA LEU B 128 12.72 -4.94 9.53
C LEU B 128 11.82 -3.94 8.80
N THR B 129 12.01 -3.83 7.50
CA THR B 129 10.97 -3.37 6.58
C THR B 129 10.37 -4.60 5.89
N CYS B 130 9.10 -4.86 6.18
CA CYS B 130 8.30 -5.78 5.38
C CYS B 130 7.55 -5.01 4.30
N SER B 131 7.70 -5.43 3.05
CA SER B 131 6.89 -4.92 1.95
C SER B 131 6.07 -6.06 1.37
N SER B 132 4.75 -5.88 1.32
CA SER B 132 3.85 -6.82 0.67
C SER B 132 3.36 -6.20 -0.63
N LYS B 133 3.65 -6.86 -1.75
CA LYS B 133 3.16 -6.45 -3.07
C LYS B 133 2.11 -7.44 -3.52
N VAL B 134 0.87 -6.98 -3.67
CA VAL B 134 -0.21 -7.80 -4.20
C VAL B 134 -0.35 -7.51 -5.69
N CYS B 135 -0.28 -8.56 -6.50
CA CYS B 135 -0.30 -8.44 -7.95
C CYS B 135 -1.52 -9.17 -8.50
N SER B 136 -2.22 -8.54 -9.43
CA SER B 136 -3.33 -9.17 -10.14
C SER B 136 -3.03 -9.12 -11.63
N PHE B 137 -3.04 -10.29 -12.28
CA PHE B 137 -2.70 -10.42 -13.69
C PHE B 137 -1.32 -9.84 -13.99
N GLY B 138 -0.38 -10.05 -13.07
CA GLY B 138 0.96 -9.52 -13.21
C GLY B 138 1.12 -8.06 -12.84
N LYS B 139 0.06 -7.39 -12.41
CA LYS B 139 0.05 -5.94 -12.23
C LYS B 139 -0.06 -5.61 -10.75
N GLN B 140 0.83 -4.76 -10.27
CA GLN B 140 0.88 -4.42 -8.85
C GLN B 140 -0.31 -3.55 -8.50
N VAL B 141 -1.15 -4.02 -7.58
CA VAL B 141 -2.38 -3.32 -7.22
C VAL B 141 -2.45 -2.95 -5.74
N VAL B 142 -1.74 -3.65 -4.86
CA VAL B 142 -1.44 -3.16 -3.52
C VAL B 142 0.05 -3.29 -3.28
N GLU B 143 0.66 -2.24 -2.73
CA GLU B 143 1.88 -2.35 -1.94
C GLU B 143 1.62 -1.89 -0.51
N LYS B 144 2.00 -2.71 0.46
CA LYS B 144 1.94 -2.35 1.87
C LYS B 144 3.34 -2.43 2.46
N VAL B 145 3.78 -1.35 3.10
CA VAL B 145 5.12 -1.25 3.66
C VAL B 145 5.00 -1.00 5.15
N GLU B 146 5.63 -1.86 5.95
CA GLU B 146 5.47 -1.85 7.39
C GLU B 146 6.83 -2.05 8.05
N THR B 147 6.96 -1.56 9.27
CA THR B 147 8.18 -1.69 10.07
C THR B 147 7.83 -2.27 11.42
N GLU B 148 8.61 -3.26 11.87
CA GLU B 148 8.64 -3.66 13.27
C GLU B 148 10.07 -3.82 13.74
N ARG B 149 10.26 -3.65 15.04
CA ARG B 149 11.58 -3.68 15.67
C ARG B 149 11.79 -5.00 16.40
N ALA B 150 13.05 -5.31 16.68
CA ALA B 150 13.38 -6.50 17.45
C ALA B 150 12.88 -6.35 18.88
N GLN B 151 12.23 -7.40 19.39
CA GLN B 151 11.91 -7.54 20.80
C GLN B 151 12.63 -8.74 21.37
N LEU B 152 13.30 -8.55 22.51
CA LEU B 152 13.97 -9.66 23.17
C LEU B 152 12.97 -10.60 23.81
N GLU B 153 13.12 -11.89 23.54
CA GLU B 153 12.23 -12.90 24.11
C GLU B 153 12.98 -14.24 24.08
N ASP B 154 13.30 -14.76 25.26
CA ASP B 154 13.87 -16.10 25.41
C ASP B 154 15.17 -16.24 24.63
N GLY B 155 16.09 -15.30 24.85
CA GLY B 155 17.41 -15.37 24.29
C GLY B 155 17.53 -14.96 22.84
N ARG B 156 16.43 -14.54 22.20
CA ARG B 156 16.46 -14.21 20.79
C ARG B 156 15.50 -13.05 20.53
N PHE B 157 15.54 -12.57 19.29
CA PHE B 157 14.74 -11.43 18.86
C PHE B 157 13.57 -11.91 18.03
N VAL B 158 12.36 -11.52 18.43
CA VAL B 158 11.15 -11.85 17.69
C VAL B 158 10.61 -10.56 17.06
N TYR B 159 9.98 -10.72 15.91
CA TYR B 159 9.43 -9.60 15.15
C TYR B 159 7.94 -9.86 14.95
N ARG B 160 7.11 -9.23 15.77
CA ARG B 160 5.72 -9.63 15.95
C ARG B 160 4.83 -8.66 15.19
N LEU B 161 4.21 -9.15 14.12
CA LEU B 161 3.30 -8.35 13.29
C LEU B 161 1.85 -8.70 13.56
N LEU B 162 1.50 -8.95 14.82
CA LEU B 162 0.31 -9.71 15.14
C LEU B 162 -0.94 -8.87 14.90
N ARG B 163 -1.98 -9.51 14.37
CA ARG B 163 -3.33 -8.94 14.33
C ARG B 163 -3.40 -7.66 13.49
N SER B 164 -2.55 -7.56 12.47
CA SER B 164 -2.64 -6.47 11.53
C SER B 164 -3.95 -6.54 10.75
N PRO B 165 -4.54 -5.39 10.42
CA PRO B 165 -5.76 -5.40 9.60
C PRO B 165 -5.44 -5.76 8.16
N MET B 166 -6.19 -6.71 7.63
CA MET B 166 -6.03 -7.11 6.24
C MET B 166 -6.48 -5.98 5.31
N CYS B 167 -5.79 -5.85 4.18
CA CYS B 167 -5.92 -4.71 3.31
C CYS B 167 -7.30 -4.70 2.64
N GLU B 168 -7.71 -3.53 2.16
CA GLU B 168 -9.08 -3.38 1.66
C GLU B 168 -9.30 -4.25 0.43
N TYR B 169 -8.28 -4.37 -0.43
CA TYR B 169 -8.40 -5.19 -1.63
C TYR B 169 -8.69 -6.65 -1.27
N LEU B 170 -7.99 -7.18 -0.27
CA LEU B 170 -8.10 -8.60 0.03
C LEU B 170 -9.48 -8.96 0.59
N VAL B 171 -9.99 -8.14 1.51
CA VAL B 171 -11.27 -8.45 2.14
C VAL B 171 -12.39 -8.40 1.12
N ASN B 172 -12.37 -7.40 0.23
CA ASN B 172 -13.30 -7.38 -0.89
C ASN B 172 -13.08 -8.57 -1.82
N PHE B 173 -11.81 -8.89 -2.10
CA PHE B 173 -11.52 -10.04 -2.95
C PHE B 173 -11.98 -11.34 -2.31
N LEU B 174 -11.75 -11.49 -1.00
CA LEU B 174 -12.19 -12.70 -0.30
C LEU B 174 -13.72 -12.81 -0.30
N HIS B 175 -14.41 -11.70 -0.03
CA HIS B 175 -15.86 -11.75 0.04
C HIS B 175 -16.47 -12.05 -1.32
N LYS B 176 -15.85 -11.58 -2.39
CA LYS B 176 -16.28 -11.97 -3.72
C LYS B 176 -15.89 -13.40 -4.04
N LEU B 177 -14.71 -13.84 -3.58
CA LEU B 177 -14.30 -15.22 -3.79
C LEU B 177 -15.16 -16.20 -3.01
N ARG B 178 -15.86 -15.75 -1.97
CA ARG B 178 -16.85 -16.61 -1.31
C ARG B 178 -17.91 -17.07 -2.29
N GLN B 179 -18.45 -16.14 -3.08
CA GLN B 179 -19.71 -16.36 -3.77
C GLN B 179 -19.59 -17.35 -4.93
N LEU B 180 -18.38 -17.71 -5.31
CA LEU B 180 -18.16 -18.47 -6.54
C LEU B 180 -18.62 -19.91 -6.34
N PRO B 181 -19.54 -20.43 -7.17
CA PRO B 181 -20.29 -21.63 -6.78
C PRO B 181 -19.50 -22.92 -6.91
N GLU B 182 -18.30 -22.89 -7.47
CA GLU B 182 -17.53 -24.10 -7.71
C GLU B 182 -16.07 -23.84 -7.32
N ARG B 183 -15.39 -24.91 -6.89
CA ARG B 183 -14.01 -24.77 -6.45
C ARG B 183 -13.10 -24.36 -7.60
N TYR B 184 -13.30 -24.95 -8.78
CA TYR B 184 -12.40 -24.68 -9.90
C TYR B 184 -12.56 -23.27 -10.46
N MET B 185 -13.71 -22.62 -10.21
CA MET B 185 -13.84 -21.22 -10.57
C MET B 185 -13.04 -20.32 -9.64
N MET B 186 -12.97 -20.68 -8.36
CA MET B 186 -12.10 -19.96 -7.44
C MET B 186 -10.63 -20.10 -7.84
N ASN B 187 -10.22 -21.30 -8.25
CA ASN B 187 -8.86 -21.50 -8.72
C ASN B 187 -8.57 -20.70 -9.98
N SER B 188 -9.53 -20.62 -10.89
CA SER B 188 -9.33 -19.87 -12.13
C SER B 188 -9.12 -18.39 -11.85
N VAL B 189 -9.88 -17.82 -10.91
CA VAL B 189 -9.63 -16.46 -10.47
C VAL B 189 -8.25 -16.35 -9.82
N LEU B 190 -7.90 -17.32 -8.99
CA LEU B 190 -6.74 -17.18 -8.11
C LEU B 190 -5.43 -17.29 -8.89
N GLU B 191 -5.43 -18.00 -10.01
CA GLU B 191 -4.19 -18.19 -10.78
C GLU B 191 -3.68 -16.91 -11.40
N ASN B 192 -4.51 -15.86 -11.47
CA ASN B 192 -4.06 -14.53 -11.88
C ASN B 192 -3.81 -13.62 -10.68
N PHE B 193 -3.37 -14.18 -9.55
CA PHE B 193 -3.31 -13.45 -8.30
C PHE B 193 -2.11 -13.93 -7.52
N THR B 194 -1.17 -13.03 -7.26
CA THR B 194 0.06 -13.37 -6.55
C THR B 194 0.39 -12.29 -5.53
N ILE B 195 1.14 -12.67 -4.51
CA ILE B 195 1.64 -11.73 -3.51
C ILE B 195 3.15 -11.91 -3.41
N LEU B 196 3.88 -10.80 -3.46
CA LEU B 196 5.33 -10.79 -3.30
C LEU B 196 5.68 -10.05 -2.01
N GLN B 197 6.50 -10.69 -1.18
CA GLN B 197 6.79 -10.20 0.17
C GLN B 197 8.30 -10.08 0.33
N VAL B 198 8.77 -8.87 0.61
CA VAL B 198 10.21 -8.57 0.67
C VAL B 198 10.51 -8.05 2.07
N VAL B 199 11.42 -8.71 2.77
CA VAL B 199 11.82 -8.33 4.12
C VAL B 199 13.29 -7.93 4.08
N THR B 200 13.59 -6.71 4.50
CA THR B 200 14.95 -6.17 4.47
C THR B 200 15.33 -5.68 5.86
N ASN B 201 16.62 -5.76 6.15
CA ASN B 201 17.24 -4.88 7.15
C ASN B 201 17.05 -3.42 6.75
N ARG B 202 16.29 -2.67 7.56
CA ARG B 202 16.02 -1.28 7.24
C ARG B 202 17.29 -0.44 7.28
N ASP B 203 18.13 -0.65 8.30
CA ASP B 203 19.31 0.19 8.47
C ASP B 203 20.30 0.00 7.33
N THR B 204 20.51 -1.25 6.91
CA THR B 204 21.57 -1.58 5.96
C THR B 204 21.05 -1.91 4.57
N GLN B 205 19.73 -1.84 4.36
CA GLN B 205 19.07 -1.87 3.06
C GLN B 205 19.19 -3.22 2.36
N GLU B 206 19.77 -4.23 3.00
CA GLU B 206 20.02 -5.51 2.35
C GLU B 206 18.86 -6.46 2.57
N LEU B 207 18.54 -7.24 1.54
CA LEU B 207 17.40 -8.14 1.60
C LEU B 207 17.67 -9.30 2.56
N LEU B 208 16.66 -9.64 3.37
CA LEU B 208 16.71 -10.82 4.23
C LEU B 208 15.82 -11.95 3.73
N LEU B 209 14.54 -11.67 3.50
CA LEU B 209 13.62 -12.63 2.91
C LEU B 209 12.97 -12.02 1.68
N CYS B 210 12.78 -12.84 0.65
CA CYS B 210 11.83 -12.53 -0.42
C CYS B 210 11.02 -13.78 -0.72
N THR B 211 9.71 -13.71 -0.49
CA THR B 211 8.83 -14.86 -0.65
C THR B 211 7.77 -14.53 -1.71
N ALA B 212 7.62 -15.43 -2.68
CA ALA B 212 6.47 -15.41 -3.57
C ALA B 212 5.35 -16.30 -3.00
N TYR B 213 4.12 -15.80 -3.11
CA TYR B 213 2.94 -16.53 -2.66
C TYR B 213 2.02 -16.78 -3.85
N VAL B 214 1.63 -18.04 -4.04
CA VAL B 214 0.63 -18.41 -5.04
C VAL B 214 -0.46 -19.24 -4.36
N PHE B 215 -1.64 -19.24 -4.97
CA PHE B 215 -2.87 -19.56 -4.27
C PHE B 215 -3.71 -20.50 -5.12
N GLU B 216 -4.17 -21.59 -4.52
CA GLU B 216 -5.37 -22.29 -4.93
C GLU B 216 -6.34 -22.38 -3.76
N VAL B 217 -7.42 -23.12 -3.95
CA VAL B 217 -8.46 -23.31 -2.94
C VAL B 217 -8.49 -24.79 -2.57
N SER B 218 -8.35 -25.08 -1.29
CA SER B 218 -8.54 -26.44 -0.79
C SER B 218 -10.02 -26.76 -0.65
N THR B 219 -10.32 -28.05 -0.63
CA THR B 219 -11.69 -28.50 -0.47
C THR B 219 -12.21 -28.16 0.93
N SER B 220 -13.52 -28.27 1.10
CA SER B 220 -14.08 -28.60 2.41
C SER B 220 -13.44 -29.86 2.98
N GLU B 221 -13.16 -30.84 2.11
CA GLU B 221 -12.80 -32.17 2.56
C GLU B 221 -11.44 -32.19 3.26
N ARG B 222 -10.49 -31.42 2.75
CA ARG B 222 -9.16 -31.31 3.35
C ARG B 222 -8.97 -29.91 3.94
N GLY B 223 -8.08 -29.82 4.91
CA GLY B 223 -7.77 -28.56 5.54
C GLY B 223 -6.90 -27.68 4.68
N ALA B 224 -6.58 -26.51 5.23
CA ALA B 224 -5.60 -25.63 4.59
C ALA B 224 -4.23 -26.30 4.56
N GLN B 225 -3.52 -26.11 3.46
CA GLN B 225 -2.19 -26.69 3.28
C GLN B 225 -1.28 -25.67 2.62
N HIS B 226 0.02 -25.81 2.86
CA HIS B 226 1.04 -25.08 2.12
C HIS B 226 2.15 -26.05 1.72
N HIS B 227 2.83 -25.70 0.62
CA HIS B 227 4.11 -26.29 0.28
C HIS B 227 5.12 -25.18 0.04
N ILE B 228 6.29 -25.29 0.66
CA ILE B 228 7.31 -24.26 0.64
C ILE B 228 8.45 -24.72 -0.24
N TYR B 229 8.86 -23.86 -1.17
CA TYR B 229 9.85 -24.21 -2.18
C TYR B 229 11.03 -23.24 -2.10
N ARG B 230 12.21 -23.75 -2.39
CA ARG B 230 13.35 -22.89 -2.70
C ARG B 230 13.21 -22.31 -4.10
N LEU B 231 13.79 -21.13 -4.30
CA LEU B 231 13.78 -20.44 -5.58
C LEU B 231 15.21 -20.37 -6.10
N VAL B 232 15.42 -20.87 -7.32
CA VAL B 232 16.76 -21.15 -7.82
C VAL B 232 16.84 -20.61 -9.25
N ARG B 233 18.05 -20.58 -9.79
CA ARG B 233 18.18 -20.31 -11.21
C ARG B 233 18.92 -21.39 -11.98
N ASP B 234 19.98 -21.96 -11.42
CA ASP B 234 20.66 -23.07 -12.08
C ASP B 234 21.10 -24.13 -11.07
C10 EI6 C . -1.06 12.10 -4.42
N12 EI6 C . 0.34 12.05 -6.36
C13 EI6 C . -0.11 12.62 -7.61
C15 EI6 C . -0.32 12.50 -10.00
C17 EI6 C . -1.48 14.31 -11.32
C21 EI6 C . -1.24 14.37 -8.81
C22 EI6 C . -0.80 13.83 -7.62
C24 EI6 C . -0.45 8.54 -5.21
C01 EI6 C . 0.44 4.49 -6.38
C02 EI6 C . 0.60 5.99 -6.11
C03 EI6 C . 1.11 6.42 -4.75
C06 EI6 C . 0.75 8.44 -3.24
C07 EI6 C . 0.55 9.99 -3.75
C08 EI6 C . -0.65 10.33 -2.79
C09 EI6 C . -1.62 11.31 -3.35
C11 EI6 C . -0.57 11.25 -5.56
C14 EI6 C . 0.13 11.96 -8.80
C16 EI6 C . -0.99 13.71 -10.00
C23 EI6 C . 0.20 9.96 -5.08
F18 EI6 C . -2.71 14.87 -11.15
F19 EI6 C . -1.56 13.33 -12.27
F20 EI6 C . -0.60 15.27 -11.74
N05 EI6 C . 0.56 7.69 -4.34
O04 EI6 C . 1.88 5.79 -4.09
C FMT D . -18.34 21.98 -6.77
O1 FMT D . -17.80 22.73 -5.96
O2 FMT D . -19.05 21.04 -6.48
C10 EI6 E . -1.01 -14.01 2.72
N12 EI6 E . -3.38 -13.67 3.00
C13 EI6 E . -4.32 -14.32 2.11
C15 EI6 E . -5.17 -14.66 -0.10
C17 EI6 E . -7.09 -16.20 -0.57
C21 EI6 E . -6.16 -15.81 1.74
C22 EI6 E . -5.27 -15.20 2.61
C24 EI6 E . -1.45 -10.47 2.11
C01 EI6 E . -2.28 -5.97 1.65
C02 EI6 E . -1.45 -7.24 1.58
C03 EI6 E . -1.11 -7.87 2.94
C06 EI6 E . -0.83 -9.99 4.33
C07 EI6 E . -1.17 -11.60 4.11
C08 EI6 E . 0.27 -12.18 3.78
C09 EI6 E . 0.27 -13.33 2.83
C11 EI6 E . -2.17 -13.10 2.44
C14 EI6 E . -4.28 -14.05 0.76
C16 EI6 E . -6.11 -15.54 0.39
C23 EI6 E . -1.99 -11.64 3.02
F18 EI6 E . -7.97 -16.97 0.13
F19 EI6 E . -6.39 -16.99 -1.45
F20 EI6 E . -7.76 -15.24 -1.27
N05 EI6 E . -1.11 -9.32 3.16
O04 EI6 E . -0.84 -7.16 3.86
#